data_8D11
#
_entry.id   8D11
#
_cell.length_a   117.015
_cell.length_b   64.898
_cell.length_c   74.365
_cell.angle_alpha   90.000
_cell.angle_beta   125.706
_cell.angle_gamma   90.000
#
_symmetry.space_group_name_H-M   'C 1 2 1'
#
loop_
_entity.id
_entity.type
_entity.pdbx_description
1 polymer 'Thiol:disulfide interchange protein DsbA'
2 non-polymer 1-methyl-1H-pyrazol-5-amine
3 non-polymer 'COPPER (II) ION'
4 water water
#
_entity_poly.entity_id   1
_entity_poly.type   'polypeptide(L)'
_entity_poly.pdbx_seq_one_letter_code
;AQYEDGKQYTTLEKPVAGAPQVLEFFSFFCPHCYQFEEVLHISDNVKKKLPEGVKMTKYHVNFMGGDLGKDLTQAWAVAM
ALGVEDKVTVPLFEGVQKTQTIRSASDIRDVFINAGIKGEEYDAAWNSFVVKSLVAQQEKAAADVQLRGVPAMFVNGKYQ
LNPQGMDTSNMDVFVQQYADTVKYLSEKK
;
_entity_poly.pdbx_strand_id   A,B
#
# COMPACT_ATOMS: atom_id res chain seq x y z
N ALA A 1 -21.55 -25.53 -4.67
CA ALA A 1 -20.67 -25.81 -3.54
C ALA A 1 -20.31 -24.50 -2.84
N GLN A 2 -20.01 -24.58 -1.54
CA GLN A 2 -19.56 -23.39 -0.82
C GLN A 2 -18.20 -22.92 -1.30
N TYR A 3 -17.30 -23.84 -1.63
CA TYR A 3 -16.01 -23.51 -2.23
C TYR A 3 -16.05 -24.03 -3.66
N GLU A 4 -15.86 -23.13 -4.62
CA GLU A 4 -15.97 -23.45 -6.03
C GLU A 4 -14.69 -23.10 -6.76
N ASP A 5 -14.29 -23.96 -7.67
CA ASP A 5 -13.25 -23.59 -8.60
C ASP A 5 -13.68 -22.32 -9.35
N GLY A 6 -12.82 -21.31 -9.36
CA GLY A 6 -13.15 -20.03 -9.95
C GLY A 6 -13.70 -18.99 -9.01
N LYS A 7 -13.97 -19.33 -7.75
CA LYS A 7 -14.45 -18.34 -6.80
C LYS A 7 -13.38 -18.01 -5.77
N GLN A 8 -13.23 -18.84 -4.73
CA GLN A 8 -12.19 -18.61 -3.73
C GLN A 8 -10.83 -19.12 -4.17
N TYR A 9 -10.76 -19.90 -5.23
CA TYR A 9 -9.51 -20.47 -5.71
C TYR A 9 -9.67 -20.81 -7.18
N THR A 10 -8.55 -21.11 -7.81
CA THR A 10 -8.53 -21.67 -9.14
C THR A 10 -7.59 -22.86 -9.14
N THR A 11 -7.69 -23.70 -10.15
CA THR A 11 -6.89 -24.91 -10.22
C THR A 11 -5.88 -24.75 -11.35
N LEU A 12 -4.63 -25.12 -11.07
CA LEU A 12 -3.54 -24.92 -12.00
C LEU A 12 -3.72 -25.81 -13.23
N GLU A 13 -3.71 -25.20 -14.42
CA GLU A 13 -3.86 -25.95 -15.65
C GLU A 13 -2.69 -26.90 -15.86
N LYS A 14 -1.49 -26.49 -15.44
CA LYS A 14 -0.29 -27.33 -15.41
C LYS A 14 0.09 -27.54 -13.95
N PRO A 15 -0.43 -28.57 -13.29
CA PRO A 15 -0.10 -28.80 -11.87
C PRO A 15 1.39 -29.01 -11.63
N VAL A 16 1.84 -28.61 -10.45
CA VAL A 16 3.25 -28.57 -10.07
C VAL A 16 3.52 -29.67 -9.04
N ALA A 17 4.31 -30.68 -9.41
CA ALA A 17 4.61 -31.77 -8.49
C ALA A 17 5.76 -31.44 -7.55
N GLY A 18 5.72 -32.00 -6.34
CA GLY A 18 6.79 -31.87 -5.37
C GLY A 18 7.00 -30.50 -4.74
N ALA A 19 5.91 -29.77 -4.46
CA ALA A 19 5.90 -28.40 -3.94
C ALA A 19 5.67 -28.36 -2.43
N PRO A 20 6.08 -27.27 -1.76
CA PRO A 20 5.72 -27.10 -0.34
C PRO A 20 4.21 -27.07 -0.16
N GLN A 21 3.77 -27.42 1.04
CA GLN A 21 2.34 -27.45 1.32
C GLN A 21 1.71 -26.07 1.06
N VAL A 22 2.32 -25.01 1.59
CA VAL A 22 1.85 -23.64 1.35
C VAL A 22 3.03 -22.83 0.80
N LEU A 23 2.84 -22.23 -0.38
CA LEU A 23 3.88 -21.47 -1.07
C LEU A 23 3.33 -20.10 -1.42
N GLU A 24 3.97 -19.04 -0.90
CA GLU A 24 3.54 -17.65 -1.09
C GLU A 24 4.58 -16.92 -1.93
N PHE A 25 4.12 -16.03 -2.82
CA PHE A 25 5.00 -15.13 -3.55
C PHE A 25 4.65 -13.68 -3.22
N PHE A 26 5.67 -12.84 -3.09
CA PHE A 26 5.41 -11.44 -2.80
C PHE A 26 6.50 -10.56 -3.42
N SER A 27 6.28 -9.25 -3.40
CA SER A 27 7.36 -8.32 -3.74
C SER A 27 7.33 -7.18 -2.72
N PHE A 28 8.50 -6.70 -2.32
CA PHE A 28 8.49 -5.55 -1.40
C PHE A 28 7.96 -4.28 -2.08
N PHE A 29 7.80 -4.30 -3.41
CA PHE A 29 7.19 -3.19 -4.16
C PHE A 29 5.68 -3.28 -4.26
N CYS A 30 5.10 -4.39 -3.82
CA CYS A 30 3.74 -4.76 -4.14
C CYS A 30 2.79 -4.19 -3.07
N PRO A 31 1.91 -3.25 -3.41
CA PRO A 31 1.07 -2.63 -2.36
C PRO A 31 0.15 -3.60 -1.62
N HIS A 32 -0.45 -4.56 -2.29
CA HIS A 32 -1.27 -5.52 -1.54
C HIS A 32 -0.42 -6.40 -0.64
N CYS A 33 0.84 -6.67 -1.03
CA CYS A 33 1.74 -7.46 -0.20
C CYS A 33 2.07 -6.73 1.09
N TYR A 34 2.31 -5.42 0.98
CA TYR A 34 2.44 -4.62 2.18
C TYR A 34 1.23 -4.79 3.07
N GLN A 35 0.03 -4.71 2.49
CA GLN A 35 -1.19 -4.91 3.26
C GLN A 35 -1.23 -6.30 3.87
N PHE A 36 -0.92 -7.32 3.06
CA PHE A 36 -0.98 -8.71 3.53
C PHE A 36 -0.08 -8.97 4.72
N GLU A 37 1.10 -8.36 4.72
CA GLU A 37 2.04 -8.56 5.82
C GLU A 37 1.75 -7.65 7.01
N GLU A 38 1.70 -6.33 6.80
CA GLU A 38 1.71 -5.43 7.93
C GLU A 38 0.33 -5.20 8.54
N VAL A 39 -0.76 -5.38 7.79
CA VAL A 39 -2.09 -5.02 8.26
C VAL A 39 -2.94 -6.24 8.56
N LEU A 40 -2.92 -7.21 7.65
CA LEU A 40 -3.69 -8.45 7.73
C LEU A 40 -2.93 -9.64 8.33
N HIS A 41 -1.60 -9.66 8.25
CA HIS A 41 -0.76 -10.75 8.76
C HIS A 41 -1.27 -12.10 8.22
N ILE A 42 -1.44 -12.15 6.91
CA ILE A 42 -1.99 -13.33 6.25
C ILE A 42 -1.18 -14.59 6.59
N SER A 43 0.14 -14.52 6.43
CA SER A 43 0.96 -15.72 6.67
C SER A 43 0.75 -16.26 8.07
N ASP A 44 0.77 -15.40 9.09
CA ASP A 44 0.59 -15.89 10.46
C ASP A 44 -0.80 -16.50 10.65
N ASN A 45 -1.83 -15.85 10.11
CA ASN A 45 -3.19 -16.33 10.32
C ASN A 45 -3.47 -17.62 9.56
N VAL A 46 -2.84 -17.80 8.41
CA VAL A 46 -2.92 -19.08 7.72
C VAL A 46 -2.25 -20.16 8.53
N LYS A 47 -1.04 -19.87 9.04
CA LYS A 47 -0.31 -20.84 9.85
C LYS A 47 -1.13 -21.28 11.05
N LYS A 48 -1.79 -20.34 11.72
CA LYS A 48 -2.57 -20.67 12.90
C LYS A 48 -3.72 -21.63 12.58
N LYS A 49 -4.22 -21.63 11.35
CA LYS A 49 -5.35 -22.49 11.01
C LYS A 49 -4.92 -23.81 10.38
N LEU A 50 -3.63 -24.04 10.22
CA LEU A 50 -3.09 -25.27 9.65
C LEU A 50 -2.50 -26.16 10.74
N PRO A 51 -2.36 -27.48 10.50
CA PRO A 51 -1.74 -28.34 11.52
C PRO A 51 -0.33 -27.89 11.86
N GLU A 52 0.08 -28.17 13.11
CA GLU A 52 1.41 -27.83 13.58
C GLU A 52 2.47 -28.47 12.70
N GLY A 53 3.52 -27.72 12.36
CA GLY A 53 4.59 -28.29 11.59
C GLY A 53 4.39 -28.30 10.09
N VAL A 54 3.31 -27.70 9.58
CA VAL A 54 3.11 -27.63 8.14
C VAL A 54 4.16 -26.73 7.52
N LYS A 55 4.72 -27.15 6.40
CA LYS A 55 5.77 -26.36 5.75
C LYS A 55 5.12 -25.21 5.01
N MET A 56 5.53 -24.01 5.38
CA MET A 56 5.10 -22.79 4.71
C MET A 56 6.34 -22.12 4.12
N THR A 57 6.29 -21.75 2.85
CA THR A 57 7.42 -21.12 2.19
C THR A 57 6.98 -19.80 1.60
N LYS A 58 7.86 -18.80 1.69
CA LYS A 58 7.54 -17.50 1.11
C LYS A 58 8.73 -16.99 0.31
N TYR A 59 8.49 -16.66 -0.96
CA TYR A 59 9.54 -16.26 -1.89
C TYR A 59 9.28 -14.88 -2.47
N HIS A 60 10.35 -14.16 -2.75
CA HIS A 60 10.28 -12.86 -3.42
C HIS A 60 10.32 -13.05 -4.96
N VAL A 61 9.92 -12.01 -5.71
CA VAL A 61 9.87 -12.09 -7.17
C VAL A 61 10.63 -10.91 -7.79
N ASN A 62 11.08 -11.11 -9.02
CA ASN A 62 11.88 -10.10 -9.71
C ASN A 62 11.06 -9.11 -10.55
N PHE A 63 9.79 -9.43 -10.89
CA PHE A 63 9.14 -8.67 -11.96
C PHE A 63 8.65 -7.27 -11.57
N MET A 64 8.82 -6.84 -10.33
CA MET A 64 8.52 -5.46 -9.93
C MET A 64 9.79 -4.76 -9.50
N GLY A 65 9.96 -3.51 -9.90
CA GLY A 65 11.04 -2.75 -9.32
C GLY A 65 12.35 -2.82 -10.04
N GLY A 66 12.38 -3.45 -11.22
CA GLY A 66 13.57 -3.44 -12.06
C GLY A 66 14.79 -3.95 -11.32
N ASP A 67 15.86 -3.16 -11.39
CA ASP A 67 17.13 -3.57 -10.81
C ASP A 67 16.99 -3.79 -9.31
N LEU A 68 16.33 -2.86 -8.60
CA LEU A 68 16.16 -3.01 -7.17
C LEU A 68 15.30 -4.25 -6.84
N GLY A 69 14.32 -4.56 -7.68
CA GLY A 69 13.54 -5.77 -7.45
C GLY A 69 14.40 -7.03 -7.39
N LYS A 70 15.39 -7.14 -8.28
CA LYS A 70 16.32 -8.28 -8.27
C LYS A 70 17.21 -8.26 -7.04
N ASP A 71 17.68 -7.07 -6.65
CA ASP A 71 18.43 -6.95 -5.41
C ASP A 71 17.60 -7.42 -4.22
N LEU A 72 16.30 -7.10 -4.20
CA LEU A 72 15.48 -7.52 -3.07
C LEU A 72 15.27 -9.02 -3.07
N THR A 73 15.19 -9.63 -4.25
CA THR A 73 15.11 -11.09 -4.27
C THR A 73 16.38 -11.70 -3.68
N GLN A 74 17.55 -11.12 -3.99
CA GLN A 74 18.80 -11.63 -3.42
C GLN A 74 18.87 -11.36 -1.91
N ALA A 75 18.43 -10.18 -1.47
CA ALA A 75 18.38 -9.92 -0.04
C ALA A 75 17.41 -10.85 0.67
N TRP A 76 16.30 -11.19 0.03
CA TRP A 76 15.38 -12.11 0.68
C TRP A 76 16.01 -13.48 0.80
N ALA A 77 16.79 -13.87 -0.19
CA ALA A 77 17.60 -15.09 -0.07
C ALA A 77 18.57 -14.99 1.11
N VAL A 78 19.19 -13.82 1.30
CA VAL A 78 20.01 -13.65 2.48
C VAL A 78 19.18 -13.82 3.75
N ALA A 79 17.98 -13.23 3.77
CA ALA A 79 17.13 -13.31 4.96
C ALA A 79 16.77 -14.75 5.29
N MET A 80 16.40 -15.53 4.25
CA MET A 80 16.12 -16.96 4.44
C MET A 80 17.36 -17.71 4.91
N ALA A 81 18.53 -17.42 4.34
CA ALA A 81 19.74 -18.16 4.70
C ALA A 81 20.12 -17.94 6.16
N LEU A 82 20.03 -16.69 6.64
CA LEU A 82 20.36 -16.34 8.01
C LEU A 82 19.20 -16.52 8.98
N GLY A 83 18.00 -16.78 8.47
CA GLY A 83 16.84 -16.95 9.33
C GLY A 83 16.40 -15.65 9.99
N VAL A 84 16.52 -14.53 9.31
CA VAL A 84 16.15 -13.25 9.91
C VAL A 84 14.94 -12.61 9.22
N GLU A 85 14.11 -13.41 8.54
CA GLU A 85 12.91 -12.87 7.89
C GLU A 85 12.08 -12.02 8.84
N ASP A 86 11.86 -12.49 10.06
CA ASP A 86 10.99 -11.76 10.98
C ASP A 86 11.61 -10.46 11.44
N LYS A 87 12.91 -10.26 11.23
CA LYS A 87 13.57 -9.03 11.63
C LYS A 87 13.65 -7.99 10.52
N VAL A 88 13.59 -8.39 9.25
CA VAL A 88 13.80 -7.46 8.13
C VAL A 88 12.54 -7.22 7.29
N THR A 89 11.49 -8.02 7.42
CA THR A 89 10.33 -7.86 6.53
C THR A 89 9.69 -6.48 6.68
N VAL A 90 9.40 -6.09 7.91
CA VAL A 90 8.72 -4.80 8.12
C VAL A 90 9.59 -3.64 7.68
N PRO A 91 10.87 -3.53 8.11
CA PRO A 91 11.72 -2.43 7.62
C PRO A 91 11.97 -2.43 6.12
N LEU A 92 11.97 -3.59 5.46
CA LEU A 92 12.10 -3.55 4.01
C LEU A 92 10.83 -3.00 3.36
N PHE A 93 9.66 -3.48 3.78
CA PHE A 93 8.40 -2.97 3.24
C PHE A 93 8.31 -1.47 3.45
N GLU A 94 8.61 -1.04 4.68
CA GLU A 94 8.49 0.40 5.00
C GLU A 94 9.53 1.22 4.26
N GLY A 95 10.76 0.70 4.13
CA GLY A 95 11.78 1.41 3.38
C GLY A 95 11.44 1.56 1.91
N VAL A 96 10.81 0.53 1.30
CA VAL A 96 10.44 0.64 -0.11
C VAL A 96 9.19 1.49 -0.31
N GLN A 97 8.13 1.24 0.47
CA GLN A 97 6.81 1.82 0.16
C GLN A 97 6.41 2.99 1.02
N LYS A 98 6.90 3.08 2.26
CA LYS A 98 6.42 4.09 3.20
C LYS A 98 7.35 5.31 3.21
N THR A 99 8.61 5.11 3.60
CA THR A 99 9.58 6.20 3.61
C THR A 99 10.30 6.38 2.28
N GLN A 100 10.32 5.35 1.43
CA GLN A 100 11.00 5.39 0.14
C GLN A 100 12.47 5.75 0.32
N THR A 101 13.07 5.18 1.37
CA THR A 101 14.48 5.37 1.66
C THR A 101 15.37 4.27 1.09
N ILE A 102 14.77 3.20 0.56
CA ILE A 102 15.52 2.11 -0.04
C ILE A 102 15.57 2.37 -1.54
N ARG A 103 16.72 2.78 -2.03
CA ARG A 103 16.90 3.10 -3.43
C ARG A 103 18.05 2.35 -4.08
N SER A 104 18.84 1.61 -3.30
CA SER A 104 20.03 0.95 -3.82
C SER A 104 20.29 -0.27 -2.96
N ALA A 105 21.16 -1.15 -3.46
CA ALA A 105 21.52 -2.32 -2.69
C ALA A 105 22.10 -1.91 -1.34
N SER A 106 22.85 -0.81 -1.31
CA SER A 106 23.44 -0.38 -0.05
C SER A 106 22.36 -0.04 0.97
N ASP A 107 21.25 0.57 0.52
CA ASP A 107 20.14 0.90 1.42
C ASP A 107 19.49 -0.36 1.98
N ILE A 108 19.41 -1.41 1.15
CA ILE A 108 18.92 -2.69 1.64
C ILE A 108 19.82 -3.20 2.76
N ARG A 109 21.14 -3.18 2.50
CA ARG A 109 22.10 -3.65 3.48
C ARG A 109 21.93 -2.91 4.79
N ASP A 110 21.69 -1.60 4.73
CA ASP A 110 21.52 -0.83 5.97
C ASP A 110 20.38 -1.39 6.80
N VAL A 111 19.33 -1.88 6.16
CA VAL A 111 18.19 -2.41 6.91
C VAL A 111 18.63 -3.60 7.73
N PHE A 112 19.45 -4.48 7.15
CA PHE A 112 19.97 -5.64 7.89
C PHE A 112 20.90 -5.20 9.01
N ILE A 113 21.79 -4.25 8.74
CA ILE A 113 22.70 -3.75 9.78
C ILE A 113 21.90 -3.19 10.96
N ASN A 114 20.89 -2.38 10.66
CA ASN A 114 20.04 -1.82 11.72
C ASN A 114 19.30 -2.92 12.47
N ALA A 115 18.94 -4.00 11.79
CA ALA A 115 18.30 -5.11 12.49
C ALA A 115 19.28 -5.96 13.28
N GLY A 116 20.58 -5.64 13.26
CA GLY A 116 21.55 -6.35 14.07
C GLY A 116 22.34 -7.44 13.38
N ILE A 117 22.18 -7.64 12.07
CA ILE A 117 23.04 -8.56 11.35
C ILE A 117 24.38 -7.90 11.12
N LYS A 118 25.46 -8.57 11.51
CA LYS A 118 26.79 -7.98 11.38
C LYS A 118 27.13 -7.79 9.91
N GLY A 119 27.85 -6.71 9.61
CA GLY A 119 28.18 -6.42 8.22
C GLY A 119 28.96 -7.53 7.56
N GLU A 120 29.94 -8.09 8.26
CA GLU A 120 30.73 -9.15 7.64
C GLU A 120 29.89 -10.36 7.29
N GLU A 121 28.88 -10.69 8.11
CA GLU A 121 28.05 -11.86 7.83
C GLU A 121 27.01 -11.56 6.77
N TYR A 122 26.45 -10.35 6.73
CA TYR A 122 25.60 -9.98 5.61
C TYR A 122 26.35 -10.09 4.29
N ASP A 123 27.57 -9.51 4.23
CA ASP A 123 28.33 -9.49 2.99
C ASP A 123 28.74 -10.89 2.57
N ALA A 124 29.18 -11.71 3.52
CA ALA A 124 29.52 -13.08 3.19
C ALA A 124 28.32 -13.82 2.63
N ALA A 125 27.14 -13.66 3.26
CA ALA A 125 25.93 -14.31 2.78
C ALA A 125 25.55 -13.83 1.38
N TRP A 126 25.53 -12.50 1.19
CA TRP A 126 25.19 -11.91 -0.10
C TRP A 126 25.99 -12.53 -1.24
N ASN A 127 27.27 -12.80 -1.00
CA ASN A 127 28.14 -13.28 -2.06
C ASN A 127 28.23 -14.79 -2.10
N SER A 128 27.47 -15.49 -1.26
CA SER A 128 27.65 -16.93 -1.13
C SER A 128 26.90 -17.71 -2.20
N PHE A 129 27.40 -18.92 -2.48
CA PHE A 129 26.69 -19.80 -3.41
C PHE A 129 25.45 -20.42 -2.78
N VAL A 130 25.40 -20.53 -1.45
CA VAL A 130 24.16 -20.92 -0.79
C VAL A 130 23.05 -19.94 -1.13
N VAL A 131 23.36 -18.64 -1.09
CA VAL A 131 22.36 -17.63 -1.45
C VAL A 131 22.10 -17.63 -2.96
N LYS A 132 23.13 -17.84 -3.79
CA LYS A 132 22.89 -17.96 -5.22
C LYS A 132 21.89 -19.07 -5.51
N SER A 133 22.02 -20.19 -4.80
CA SER A 133 21.07 -21.29 -4.98
C SER A 133 19.67 -20.91 -4.48
N LEU A 134 19.58 -20.16 -3.39
CA LEU A 134 18.27 -19.74 -2.93
C LEU A 134 17.61 -18.80 -3.93
N VAL A 135 18.40 -17.96 -4.59
CA VAL A 135 17.83 -17.09 -5.62
C VAL A 135 17.28 -17.91 -6.77
N ALA A 136 18.04 -18.93 -7.21
CA ALA A 136 17.55 -19.79 -8.29
C ALA A 136 16.25 -20.48 -7.88
N GLN A 137 16.17 -20.95 -6.62
CA GLN A 137 14.97 -21.64 -6.17
C GLN A 137 13.76 -20.72 -6.22
N GLN A 138 13.96 -19.46 -5.83
CA GLN A 138 12.83 -18.53 -5.88
C GLN A 138 12.36 -18.30 -7.32
N GLU A 139 13.31 -18.13 -8.25
CA GLU A 139 12.95 -17.93 -9.66
C GLU A 139 12.29 -19.18 -10.23
N LYS A 140 12.83 -20.36 -9.91
CA LYS A 140 12.25 -21.58 -10.45
C LYS A 140 10.83 -21.81 -9.95
N ALA A 141 10.58 -21.59 -8.66
CA ALA A 141 9.24 -21.77 -8.13
C ALA A 141 8.24 -20.86 -8.83
N ALA A 142 8.61 -19.61 -9.06
CA ALA A 142 7.73 -18.70 -9.80
C ALA A 142 7.53 -19.17 -11.23
N ALA A 143 8.60 -19.65 -11.88
CA ALA A 143 8.44 -20.17 -13.23
C ALA A 143 7.58 -21.42 -13.25
N ASP A 144 7.65 -22.26 -12.22
CA ASP A 144 6.87 -23.50 -12.19
C ASP A 144 5.37 -23.22 -12.32
N VAL A 145 4.83 -22.40 -11.42
CA VAL A 145 3.46 -21.93 -11.62
C VAL A 145 3.65 -20.85 -12.67
N GLN A 146 2.61 -20.19 -13.10
CA GLN A 146 2.81 -19.12 -14.07
C GLN A 146 2.50 -17.84 -13.33
N LEU A 147 3.55 -17.09 -12.96
CA LEU A 147 3.38 -15.97 -12.06
C LEU A 147 3.61 -14.63 -12.72
N ARG A 148 2.52 -13.86 -12.85
CA ARG A 148 2.57 -12.50 -13.36
C ARG A 148 2.03 -11.51 -12.35
N GLY A 149 1.56 -11.97 -11.21
CA GLY A 149 1.07 -11.06 -10.20
C GLY A 149 1.30 -11.62 -8.82
N VAL A 150 1.44 -10.70 -7.88
CA VAL A 150 1.57 -10.98 -6.46
C VAL A 150 0.60 -10.04 -5.76
N PRO A 151 0.19 -10.35 -4.51
CA PRO A 151 0.55 -11.53 -3.73
C PRO A 151 -0.05 -12.77 -4.35
N ALA A 152 0.52 -13.93 -4.07
CA ALA A 152 -0.05 -15.15 -4.62
C ALA A 152 0.21 -16.27 -3.63
N MET A 153 -0.75 -17.18 -3.50
CA MET A 153 -0.54 -18.30 -2.60
C MET A 153 -1.01 -19.56 -3.31
N PHE A 154 -0.20 -20.61 -3.22
CA PHE A 154 -0.47 -21.89 -3.85
C PHE A 154 -0.47 -22.97 -2.78
N VAL A 155 -1.40 -23.92 -2.89
CA VAL A 155 -1.58 -24.94 -1.87
C VAL A 155 -1.35 -26.28 -2.56
N ASN A 156 -0.41 -27.05 -2.02
CA ASN A 156 -0.11 -28.41 -2.49
C ASN A 156 0.28 -28.42 -3.96
N GLY A 157 0.86 -27.34 -4.45
CA GLY A 157 1.21 -27.25 -5.85
C GLY A 157 0.08 -27.39 -6.84
N LYS A 158 -1.17 -27.34 -6.36
CA LYS A 158 -2.32 -27.54 -7.23
C LYS A 158 -3.32 -26.39 -7.27
N TYR A 159 -3.46 -25.62 -6.19
CA TYR A 159 -4.56 -24.68 -6.06
C TYR A 159 -3.99 -23.30 -5.81
N GLN A 160 -4.61 -22.29 -6.43
CA GLN A 160 -4.19 -20.90 -6.30
C GLN A 160 -5.31 -20.11 -5.64
N LEU A 161 -5.00 -19.46 -4.53
CA LEU A 161 -5.99 -18.63 -3.85
C LEU A 161 -6.47 -17.49 -4.75
N ASN A 162 -7.76 -17.18 -4.68
CA ASN A 162 -8.37 -16.07 -5.41
C ASN A 162 -8.99 -15.10 -4.41
N PRO A 163 -8.20 -14.15 -3.91
CA PRO A 163 -8.74 -13.22 -2.89
C PRO A 163 -9.80 -12.24 -3.41
N GLN A 164 -9.91 -12.05 -4.72
CA GLN A 164 -10.89 -11.11 -5.25
C GLN A 164 -12.32 -11.54 -4.98
N GLY A 165 -12.56 -12.80 -4.62
CA GLY A 165 -13.90 -13.21 -4.32
C GLY A 165 -14.23 -13.30 -2.85
N MET A 166 -13.45 -12.65 -1.97
CA MET A 166 -13.77 -12.70 -0.54
C MET A 166 -14.20 -11.34 -0.06
N ASP A 167 -14.76 -11.28 1.12
CA ASP A 167 -15.27 -10.00 1.63
C ASP A 167 -14.24 -9.07 2.13
N THR A 168 -14.37 -7.82 1.69
CA THR A 168 -13.48 -6.71 2.00
C THR A 168 -14.18 -5.63 2.83
N SER A 169 -15.42 -5.86 3.26
CA SER A 169 -16.06 -4.89 4.16
C SER A 169 -15.40 -4.89 5.53
N ASN A 170 -14.84 -6.03 5.92
CA ASN A 170 -14.27 -6.20 7.25
C ASN A 170 -12.95 -6.92 7.07
N MET A 171 -11.85 -6.33 7.56
CA MET A 171 -10.52 -6.93 7.32
C MET A 171 -10.37 -8.28 8.02
N ASP A 172 -10.91 -8.40 9.23
CA ASP A 172 -10.77 -9.63 9.99
C ASP A 172 -11.56 -10.75 9.33
N VAL A 173 -12.72 -10.42 8.76
CA VAL A 173 -13.51 -11.44 8.05
C VAL A 173 -12.80 -11.86 6.78
N PHE A 174 -12.15 -10.92 6.08
CA PHE A 174 -11.35 -11.26 4.90
C PHE A 174 -10.26 -12.27 5.24
N VAL A 175 -9.52 -12.01 6.32
CA VAL A 175 -8.42 -12.88 6.75
C VAL A 175 -8.96 -14.25 7.10
N GLN A 176 -10.07 -14.28 7.83
CA GLN A 176 -10.70 -15.55 8.22
C GLN A 176 -11.16 -16.33 6.99
N GLN A 177 -11.73 -15.65 5.99
CA GLN A 177 -12.13 -16.35 4.76
C GLN A 177 -10.92 -16.87 4.01
N TYR A 178 -9.85 -16.09 3.94
CA TYR A 178 -8.63 -16.51 3.28
C TYR A 178 -8.03 -17.74 3.95
N ALA A 179 -7.83 -17.65 5.27
CA ALA A 179 -7.23 -18.74 6.02
C ALA A 179 -8.09 -20.00 5.94
N ASP A 180 -9.40 -19.84 6.12
CA ASP A 180 -10.30 -21.01 6.04
C ASP A 180 -10.28 -21.63 4.63
N THR A 181 -10.11 -20.81 3.59
CA THR A 181 -9.97 -21.35 2.24
C THR A 181 -8.68 -22.16 2.11
N VAL A 182 -7.56 -21.63 2.63
CA VAL A 182 -6.30 -22.38 2.61
C VAL A 182 -6.47 -23.72 3.31
N LYS A 183 -7.09 -23.71 4.50
CA LYS A 183 -7.32 -24.95 5.25
C LYS A 183 -8.12 -25.93 4.41
N TYR A 184 -9.20 -25.45 3.79
CA TYR A 184 -10.01 -26.31 2.93
C TYR A 184 -9.19 -26.90 1.78
N LEU A 185 -8.36 -26.07 1.15
CA LEU A 185 -7.57 -26.58 0.03
C LEU A 185 -6.52 -27.58 0.50
N SER A 186 -5.95 -27.34 1.68
CA SER A 186 -4.93 -28.23 2.22
C SER A 186 -5.50 -29.62 2.56
N GLU A 187 -6.78 -29.71 2.96
CA GLU A 187 -7.42 -30.99 3.27
C GLU A 187 -8.04 -31.64 2.05
N LYS A 188 -7.78 -31.13 0.85
CA LYS A 188 -8.37 -31.70 -0.36
C LYS A 188 -7.56 -32.90 -0.80
N ALA B 1 12.36 28.88 -17.16
CA ALA B 1 11.65 28.68 -15.89
C ALA B 1 12.41 27.75 -14.94
N GLN B 2 12.20 27.93 -13.64
CA GLN B 2 12.85 27.02 -12.69
C GLN B 2 12.32 25.60 -12.85
N TYR B 3 11.05 25.47 -13.21
CA TYR B 3 10.36 24.19 -13.33
C TYR B 3 9.99 23.91 -14.79
N GLU B 4 10.28 22.69 -15.25
CA GLU B 4 10.07 22.29 -16.63
C GLU B 4 8.96 21.23 -16.68
N ASP B 5 8.06 21.38 -17.65
CA ASP B 5 7.04 20.37 -17.89
C ASP B 5 7.71 19.03 -18.18
N GLY B 6 7.23 18.00 -17.51
CA GLY B 6 7.84 16.69 -17.60
C GLY B 6 8.88 16.39 -16.55
N LYS B 7 9.25 17.34 -15.71
CA LYS B 7 10.21 17.07 -14.64
C LYS B 7 9.54 17.13 -13.26
N GLN B 8 9.35 18.32 -12.72
CA GLN B 8 8.71 18.45 -11.41
C GLN B 8 7.21 18.32 -11.49
N TYR B 9 6.65 18.35 -12.69
CA TYR B 9 5.20 18.28 -12.90
C TYR B 9 4.96 17.76 -14.31
N THR B 10 3.70 17.41 -14.58
CA THR B 10 3.24 17.03 -15.91
C THR B 10 1.97 17.80 -16.23
N THR B 11 1.60 17.80 -17.50
CA THR B 11 0.42 18.54 -17.96
C THR B 11 -0.64 17.56 -18.44
N LEU B 12 -1.86 17.72 -17.94
CA LEU B 12 -2.96 16.84 -18.30
C LEU B 12 -3.40 17.11 -19.74
N GLU B 13 -3.43 16.05 -20.57
CA GLU B 13 -3.84 16.22 -21.96
C GLU B 13 -5.31 16.63 -22.06
N LYS B 14 -6.15 16.14 -21.15
CA LYS B 14 -7.54 16.60 -21.07
C LYS B 14 -7.71 17.40 -19.79
N PRO B 15 -7.42 18.69 -19.82
CA PRO B 15 -7.55 19.51 -18.60
C PRO B 15 -8.97 19.48 -18.07
N VAL B 16 -9.10 19.59 -16.76
CA VAL B 16 -10.37 19.43 -16.08
C VAL B 16 -10.87 20.82 -15.73
N ALA B 17 -11.96 21.25 -16.39
CA ALA B 17 -12.46 22.58 -16.15
C ALA B 17 -13.26 22.61 -14.87
N GLY B 18 -13.19 23.74 -14.16
CA GLY B 18 -13.89 23.88 -12.91
C GLY B 18 -13.34 22.99 -11.81
N ALA B 19 -12.05 22.76 -11.81
CA ALA B 19 -11.47 21.87 -10.82
C ALA B 19 -10.96 22.70 -9.66
N PRO B 20 -10.78 22.12 -8.49
CA PRO B 20 -10.21 22.89 -7.38
C PRO B 20 -8.83 23.41 -7.74
N GLN B 21 -8.48 24.55 -7.11
CA GLN B 21 -7.19 25.18 -7.39
C GLN B 21 -6.03 24.24 -7.10
N VAL B 22 -6.00 23.67 -5.89
CA VAL B 22 -5.01 22.68 -5.50
C VAL B 22 -5.77 21.49 -4.95
N LEU B 23 -5.58 20.32 -5.57
CA LEU B 23 -6.35 19.13 -5.21
C LEU B 23 -5.41 17.97 -4.91
N GLU B 24 -5.50 17.43 -3.70
CA GLU B 24 -4.68 16.32 -3.26
C GLU B 24 -5.56 15.08 -3.11
N PHE B 25 -5.01 13.93 -3.52
CA PHE B 25 -5.67 12.64 -3.37
C PHE B 25 -4.84 11.75 -2.44
N PHE B 26 -5.53 10.97 -1.60
CA PHE B 26 -4.85 10.07 -0.69
C PHE B 26 -5.75 8.89 -0.40
N SER B 27 -5.19 7.88 0.28
CA SER B 27 -6.00 6.80 0.83
C SER B 27 -5.47 6.49 2.23
N PHE B 28 -6.39 6.19 3.18
CA PHE B 28 -5.95 5.82 4.52
C PHE B 28 -5.25 4.46 4.54
N PHE B 29 -5.28 3.70 3.46
CA PHE B 29 -4.53 2.45 3.37
C PHE B 29 -3.11 2.65 2.83
N CYS B 30 -2.80 3.86 2.36
CA CYS B 30 -1.62 4.09 1.57
C CYS B 30 -0.47 4.53 2.48
N PRO B 31 0.59 3.72 2.64
CA PRO B 31 1.66 4.09 3.58
C PRO B 31 2.43 5.33 3.16
N HIS B 32 2.68 5.54 1.87
CA HIS B 32 3.38 6.79 1.51
C HIS B 32 2.46 7.99 1.73
N CYS B 33 1.15 7.80 1.66
CA CYS B 33 0.22 8.87 1.99
C CYS B 33 0.32 9.23 3.47
N TYR B 34 0.46 8.21 4.33
CA TYR B 34 0.74 8.42 5.76
C TYR B 34 2.02 9.21 5.94
N GLN B 35 3.08 8.83 5.23
CA GLN B 35 4.36 9.53 5.28
C GLN B 35 4.20 10.99 4.87
N PHE B 36 3.48 11.24 3.77
CA PHE B 36 3.25 12.61 3.33
C PHE B 36 2.59 13.46 4.41
N GLU B 37 1.62 12.90 5.14
CA GLU B 37 0.85 13.73 6.09
C GLU B 37 1.56 13.85 7.42
N GLU B 38 1.96 12.74 8.03
CA GLU B 38 2.44 12.74 9.41
C GLU B 38 3.93 13.06 9.56
N VAL B 39 4.75 12.80 8.53
CA VAL B 39 6.20 12.89 8.64
C VAL B 39 6.75 14.01 7.77
N LEU B 40 6.37 14.04 6.49
CA LEU B 40 6.87 15.10 5.62
C LEU B 40 6.04 16.35 5.70
N HIS B 41 4.77 16.22 6.11
CA HIS B 41 3.85 17.37 6.18
C HIS B 41 3.78 18.13 4.86
N ILE B 42 3.58 17.39 3.76
CA ILE B 42 3.54 18.00 2.43
C ILE B 42 2.45 19.07 2.37
N SER B 43 1.24 18.70 2.80
CA SER B 43 0.10 19.62 2.76
C SER B 43 0.42 20.91 3.47
N ASP B 44 0.98 20.80 4.68
CA ASP B 44 1.26 21.99 5.47
C ASP B 44 2.31 22.87 4.80
N ASN B 45 3.35 22.25 4.22
CA ASN B 45 4.40 23.03 3.61
C ASN B 45 3.93 23.64 2.30
N VAL B 46 3.04 22.94 1.57
CA VAL B 46 2.43 23.55 0.39
C VAL B 46 1.59 24.77 0.78
N LYS B 47 0.75 24.61 1.81
CA LYS B 47 -0.10 25.71 2.29
C LYS B 47 0.71 26.93 2.71
N LYS B 48 1.82 26.71 3.44
CA LYS B 48 2.60 27.84 3.93
C LYS B 48 3.10 28.72 2.80
N LYS B 49 3.27 28.15 1.61
CA LYS B 49 3.81 28.86 0.46
C LYS B 49 2.76 29.24 -0.58
N LEU B 50 1.48 29.02 -0.31
CA LEU B 50 0.55 29.28 -1.40
C LEU B 50 0.17 30.76 -1.43
N PRO B 51 -0.12 31.28 -2.62
CA PRO B 51 -0.57 32.68 -2.74
C PRO B 51 -1.87 32.93 -1.99
N GLU B 52 -2.09 34.20 -1.66
CA GLU B 52 -3.32 34.60 -0.97
C GLU B 52 -4.55 34.16 -1.76
N GLY B 53 -5.53 33.62 -1.04
CA GLY B 53 -6.80 33.22 -1.59
C GLY B 53 -6.83 31.86 -2.27
N VAL B 54 -5.71 31.15 -2.34
CA VAL B 54 -5.70 29.80 -2.89
C VAL B 54 -6.09 28.81 -1.80
N LYS B 55 -7.18 28.06 -2.05
CA LYS B 55 -7.68 27.02 -1.16
C LYS B 55 -7.10 25.66 -1.55
N MET B 56 -6.87 24.82 -0.55
CA MET B 56 -6.46 23.44 -0.80
C MET B 56 -7.60 22.48 -0.50
N THR B 57 -7.75 21.51 -1.38
CA THR B 57 -8.79 20.49 -1.29
C THR B 57 -8.09 19.14 -1.24
N LYS B 58 -8.63 18.23 -0.43
CA LYS B 58 -8.07 16.89 -0.30
C LYS B 58 -9.21 15.88 -0.34
N TYR B 59 -9.09 14.88 -1.22
CA TYR B 59 -10.09 13.86 -1.46
C TYR B 59 -9.47 12.49 -1.17
N HIS B 60 -10.30 11.58 -0.69
CA HIS B 60 -9.95 10.18 -0.49
C HIS B 60 -10.30 9.36 -1.74
N VAL B 61 -9.66 8.19 -1.88
CA VAL B 61 -9.88 7.33 -3.04
C VAL B 61 -10.15 5.89 -2.59
N ASN B 62 -10.85 5.14 -3.45
CA ASN B 62 -11.27 3.77 -3.17
C ASN B 62 -10.19 2.73 -3.47
N PHE B 63 -9.12 3.14 -4.15
CA PHE B 63 -8.03 2.30 -4.68
C PHE B 63 -7.62 1.23 -3.69
N MET B 64 -7.66 -0.02 -4.14
CA MET B 64 -7.19 -1.20 -3.39
C MET B 64 -7.65 -1.22 -1.93
N GLY B 65 -8.82 -0.69 -1.62
CA GLY B 65 -9.30 -0.83 -0.25
C GLY B 65 -10.61 -1.59 -0.16
N GLY B 66 -11.10 -2.05 -1.31
CA GLY B 66 -12.34 -2.80 -1.38
C GLY B 66 -13.49 -2.05 -0.74
N ASP B 67 -14.38 -2.81 -0.09
CA ASP B 67 -15.59 -2.19 0.47
C ASP B 67 -15.25 -1.26 1.64
N LEU B 68 -14.30 -1.66 2.50
CA LEU B 68 -13.88 -0.78 3.60
C LEU B 68 -13.29 0.51 3.06
N GLY B 69 -12.56 0.41 1.93
CA GLY B 69 -12.07 1.60 1.26
C GLY B 69 -13.20 2.55 0.88
N LYS B 70 -14.32 2.02 0.40
CA LYS B 70 -15.47 2.87 0.11
C LYS B 70 -16.02 3.51 1.37
N ASP B 71 -16.08 2.75 2.47
CA ASP B 71 -16.53 3.32 3.76
C ASP B 71 -15.61 4.47 4.20
N LEU B 72 -14.31 4.35 3.96
CA LEU B 72 -13.38 5.41 4.35
C LEU B 72 -13.57 6.67 3.50
N THR B 73 -13.89 6.49 2.21
CA THR B 73 -14.19 7.64 1.36
C THR B 73 -15.45 8.36 1.85
N GLN B 74 -16.47 7.60 2.27
CA GLN B 74 -17.67 8.22 2.82
C GLN B 74 -17.38 8.87 4.17
N ALA B 75 -16.55 8.24 5.00
CA ALA B 75 -16.18 8.83 6.29
C ALA B 75 -15.39 10.12 6.08
N TRP B 76 -14.53 10.16 5.07
CA TRP B 76 -13.80 11.38 4.77
C TRP B 76 -14.75 12.48 4.30
N ALA B 77 -15.80 12.12 3.56
CA ALA B 77 -16.85 13.09 3.24
C ALA B 77 -17.50 13.63 4.50
N VAL B 78 -17.78 12.76 5.49
CA VAL B 78 -18.31 13.22 6.77
C VAL B 78 -17.34 14.18 7.45
N ALA B 79 -16.04 13.85 7.45
CA ALA B 79 -15.04 14.72 8.07
C ALA B 79 -15.05 16.11 7.43
N MET B 80 -15.17 16.15 6.10
CA MET B 80 -15.21 17.42 5.37
C MET B 80 -16.51 18.17 5.71
N ALA B 81 -17.63 17.45 5.76
CA ALA B 81 -18.91 18.11 6.01
C ALA B 81 -18.97 18.70 7.41
N LEU B 82 -18.42 17.99 8.40
CA LEU B 82 -18.37 18.44 9.78
C LEU B 82 -17.18 19.34 10.08
N GLY B 83 -16.23 19.43 9.17
CA GLY B 83 -15.06 20.25 9.39
C GLY B 83 -14.16 19.75 10.49
N VAL B 84 -14.02 18.42 10.62
CA VAL B 84 -13.18 17.82 11.65
C VAL B 84 -11.99 17.07 11.05
N GLU B 85 -11.58 17.42 9.83
CA GLU B 85 -10.42 16.77 9.20
C GLU B 85 -9.21 16.76 10.12
N ASP B 86 -8.91 17.91 10.74
CA ASP B 86 -7.75 18.00 11.61
C ASP B 86 -7.91 17.22 12.91
N LYS B 87 -9.10 16.70 13.20
CA LYS B 87 -9.31 15.88 14.40
C LYS B 87 -9.22 14.39 14.13
N VAL B 88 -9.54 13.94 12.92
CA VAL B 88 -9.63 12.51 12.64
C VAL B 88 -8.56 11.98 11.70
N THR B 89 -7.79 12.83 11.02
CA THR B 89 -6.89 12.35 9.97
C THR B 89 -5.83 11.39 10.52
N VAL B 90 -5.08 11.83 11.52
CA VAL B 90 -4.03 10.96 12.05
C VAL B 90 -4.65 9.74 12.74
N PRO B 91 -5.68 9.88 13.59
CA PRO B 91 -6.29 8.69 14.18
C PRO B 91 -6.83 7.69 13.16
N LEU B 92 -7.27 8.15 11.98
CA LEU B 92 -7.70 7.22 10.94
C LEU B 92 -6.50 6.52 10.31
N PHE B 93 -5.43 7.26 9.97
CA PHE B 93 -4.19 6.63 9.48
C PHE B 93 -3.66 5.62 10.49
N GLU B 94 -3.58 6.03 11.76
CA GLU B 94 -3.00 5.18 12.79
C GLU B 94 -3.86 3.95 13.04
N GLY B 95 -5.18 4.14 13.07
CA GLY B 95 -6.08 3.04 13.31
C GLY B 95 -6.05 2.02 12.18
N VAL B 96 -5.90 2.49 10.94
CA VAL B 96 -5.85 1.56 9.81
C VAL B 96 -4.48 0.89 9.71
N GLN B 97 -3.40 1.65 9.82
CA GLN B 97 -2.09 1.10 9.45
C GLN B 97 -1.21 0.73 10.64
N LYS B 98 -1.30 1.43 11.77
CA LYS B 98 -0.34 1.29 12.86
C LYS B 98 -0.87 0.40 14.00
N THR B 99 -1.93 0.82 14.68
CA THR B 99 -2.51 0.06 15.78
C THR B 99 -3.48 -1.00 15.30
N GLN B 100 -3.96 -0.85 14.07
CA GLN B 100 -4.85 -1.82 13.46
C GLN B 100 -6.11 -2.10 14.29
N THR B 101 -6.69 -0.99 14.79
CA THR B 101 -7.96 -1.00 15.50
C THR B 101 -9.12 -0.65 14.57
N ILE B 102 -8.86 -0.23 13.35
CA ILE B 102 -9.88 0.04 12.35
C ILE B 102 -9.97 -1.14 11.38
N ARG B 103 -11.03 -1.94 11.50
CA ARG B 103 -11.20 -3.13 10.67
C ARG B 103 -12.52 -3.16 9.90
N SER B 104 -13.44 -2.24 10.19
CA SER B 104 -14.75 -2.17 9.55
C SER B 104 -15.30 -0.77 9.79
N ALA B 105 -16.44 -0.47 9.15
CA ALA B 105 -17.07 0.86 9.28
C ALA B 105 -17.38 1.24 10.72
N SER B 106 -17.75 0.26 11.56
CA SER B 106 -18.07 0.57 12.95
C SER B 106 -16.88 1.20 13.68
N ASP B 107 -15.69 0.68 13.41
CA ASP B 107 -14.47 1.23 14.00
C ASP B 107 -14.20 2.65 13.51
N ILE B 108 -14.51 2.95 12.25
CA ILE B 108 -14.35 4.31 11.74
C ILE B 108 -15.22 5.26 12.55
N ARG B 109 -16.50 4.90 12.72
CA ARG B 109 -17.43 5.70 13.50
C ARG B 109 -16.91 5.95 14.91
N ASP B 110 -16.32 4.93 15.54
CA ASP B 110 -15.78 5.12 16.90
C ASP B 110 -14.72 6.20 16.95
N VAL B 111 -13.93 6.35 15.89
CA VAL B 111 -12.90 7.39 15.87
C VAL B 111 -13.53 8.77 15.97
N PHE B 112 -14.63 8.99 15.23
CA PHE B 112 -15.32 10.28 15.29
C PHE B 112 -15.97 10.50 16.65
N ILE B 113 -16.63 9.45 17.16
CA ILE B 113 -17.26 9.54 18.48
C ILE B 113 -16.21 9.83 19.53
N ASN B 114 -15.08 9.13 19.47
CA ASN B 114 -14.00 9.35 20.43
C ASN B 114 -13.39 10.73 20.33
N ALA B 115 -13.45 11.35 19.16
CA ALA B 115 -12.99 12.73 19.00
C ALA B 115 -14.02 13.74 19.49
N GLY B 116 -15.17 13.28 19.95
CA GLY B 116 -16.19 14.16 20.50
C GLY B 116 -17.36 14.49 19.60
N ILE B 117 -17.43 13.87 18.40
CA ILE B 117 -18.61 14.02 17.54
C ILE B 117 -19.72 13.12 18.07
N LYS B 118 -20.92 13.67 18.23
CA LYS B 118 -22.02 12.84 18.72
C LYS B 118 -22.38 11.76 17.70
N GLY B 119 -22.69 10.55 18.20
CA GLY B 119 -23.02 9.46 17.29
C GLY B 119 -24.21 9.76 16.40
N GLU B 120 -25.25 10.37 16.96
CA GLU B 120 -26.42 10.70 16.15
C GLU B 120 -26.07 11.68 15.05
N GLU B 121 -25.09 12.56 15.28
CA GLU B 121 -24.70 13.54 14.27
C GLU B 121 -23.79 12.90 13.22
N TYR B 122 -22.90 12.01 13.64
CA TYR B 122 -22.14 11.24 12.66
C TYR B 122 -23.09 10.51 11.72
N ASP B 123 -24.09 9.83 12.29
CA ASP B 123 -25.00 9.04 11.49
C ASP B 123 -25.84 9.92 10.57
N ALA B 124 -26.35 11.05 11.09
CA ALA B 124 -27.08 11.98 10.24
C ALA B 124 -26.19 12.48 9.11
N ALA B 125 -24.94 12.84 9.41
CA ALA B 125 -24.03 13.27 8.36
C ALA B 125 -23.77 12.14 7.38
N TRP B 126 -23.46 10.96 7.91
CA TRP B 126 -23.20 9.81 7.05
C TRP B 126 -24.28 9.64 6.00
N ASN B 127 -25.54 9.84 6.38
CA ASN B 127 -26.71 9.61 5.51
C ASN B 127 -27.20 10.87 4.82
N SER B 128 -26.45 11.95 4.90
CA SER B 128 -26.91 13.23 4.39
C SER B 128 -26.69 13.31 2.87
N PHE B 129 -27.44 14.21 2.23
CA PHE B 129 -27.24 14.45 0.80
C PHE B 129 -25.95 15.23 0.53
N VAL B 130 -25.51 16.04 1.50
CA VAL B 130 -24.20 16.69 1.40
C VAL B 130 -23.09 15.64 1.28
N VAL B 131 -23.15 14.61 2.13
CA VAL B 131 -22.11 13.58 2.10
C VAL B 131 -22.27 12.71 0.86
N LYS B 132 -23.51 12.37 0.48
CA LYS B 132 -23.72 11.62 -0.76
C LYS B 132 -23.13 12.37 -1.95
N SER B 133 -23.33 13.70 -2.01
CA SER B 133 -22.75 14.47 -3.11
C SER B 133 -21.23 14.54 -3.00
N LEU B 134 -20.70 14.65 -1.78
CA LEU B 134 -19.25 14.73 -1.63
C LEU B 134 -18.57 13.43 -2.07
N VAL B 135 -19.21 12.29 -1.84
CA VAL B 135 -18.67 11.02 -2.32
C VAL B 135 -18.63 11.02 -3.85
N ALA B 136 -19.71 11.50 -4.47
CA ALA B 136 -19.76 11.60 -5.92
C ALA B 136 -18.68 12.52 -6.45
N GLN B 137 -18.46 13.66 -5.80
CA GLN B 137 -17.41 14.58 -6.24
C GLN B 137 -16.04 13.94 -6.13
N GLN B 138 -15.78 13.22 -5.03
CA GLN B 138 -14.47 12.61 -4.85
C GLN B 138 -14.20 11.59 -5.94
N GLU B 139 -15.18 10.73 -6.23
CA GLU B 139 -14.99 9.75 -7.29
C GLU B 139 -14.86 10.42 -8.65
N LYS B 140 -15.70 11.43 -8.91
CA LYS B 140 -15.67 12.07 -10.21
C LYS B 140 -14.34 12.76 -10.46
N ALA B 141 -13.79 13.41 -9.43
CA ALA B 141 -12.50 14.08 -9.57
C ALA B 141 -11.40 13.08 -9.91
N ALA B 142 -11.40 11.91 -9.25
CA ALA B 142 -10.39 10.91 -9.57
C ALA B 142 -10.54 10.41 -11.00
N ALA B 143 -11.76 10.14 -11.43
CA ALA B 143 -11.95 9.69 -12.79
C ALA B 143 -11.58 10.77 -13.79
N ASP B 144 -11.87 12.03 -13.44
CA ASP B 144 -11.63 13.15 -14.34
C ASP B 144 -10.14 13.29 -14.69
N VAL B 145 -9.28 13.29 -13.68
CA VAL B 145 -7.83 13.35 -13.90
C VAL B 145 -7.20 12.01 -14.25
N GLN B 146 -8.02 10.99 -14.51
CA GLN B 146 -7.54 9.65 -14.84
C GLN B 146 -6.49 9.16 -13.83
N LEU B 147 -6.85 9.28 -12.55
CA LEU B 147 -5.94 9.01 -11.45
C LEU B 147 -5.50 7.55 -11.44
N ARG B 148 -4.19 7.30 -11.34
CA ARG B 148 -3.69 5.93 -11.30
C ARG B 148 -3.09 5.51 -9.96
N GLY B 149 -2.91 6.42 -9.02
CA GLY B 149 -2.27 6.06 -7.76
C GLY B 149 -2.25 7.25 -6.81
N VAL B 150 -1.99 6.97 -5.54
CA VAL B 150 -1.83 8.02 -4.54
C VAL B 150 -0.51 7.82 -3.81
N PRO B 151 0.06 8.89 -3.20
CA PRO B 151 -0.41 10.27 -3.20
C PRO B 151 -0.33 10.91 -4.57
N ALA B 152 -1.13 11.95 -4.77
CA ALA B 152 -1.12 12.71 -6.01
C ALA B 152 -1.65 14.10 -5.69
N MET B 153 -1.13 15.09 -6.40
CA MET B 153 -1.57 16.47 -6.27
C MET B 153 -1.74 17.10 -7.65
N PHE B 154 -2.81 17.87 -7.81
CA PHE B 154 -3.15 18.52 -9.07
C PHE B 154 -3.40 20.00 -8.84
N VAL B 155 -2.98 20.82 -9.80
CA VAL B 155 -3.13 22.28 -9.71
C VAL B 155 -4.02 22.74 -10.85
N ASN B 156 -5.17 23.34 -10.49
CA ASN B 156 -6.13 23.93 -11.44
C ASN B 156 -6.63 22.91 -12.44
N GLY B 157 -6.65 21.63 -12.08
CA GLY B 157 -7.08 20.60 -13.01
C GLY B 157 -6.25 20.50 -14.27
N LYS B 158 -5.07 21.13 -14.30
CA LYS B 158 -4.22 21.12 -15.49
C LYS B 158 -2.86 20.48 -15.27
N TYR B 159 -2.28 20.58 -14.07
CA TYR B 159 -0.91 20.14 -13.84
C TYR B 159 -0.83 19.14 -12.70
N GLN B 160 0.00 18.11 -12.87
CA GLN B 160 0.14 17.05 -11.87
C GLN B 160 1.55 17.06 -11.33
N LEU B 161 1.69 17.19 -10.01
CA LEU B 161 2.99 17.19 -9.37
C LEU B 161 3.74 15.89 -9.68
N ASN B 162 5.06 15.98 -9.86
CA ASN B 162 5.89 14.81 -10.14
C ASN B 162 7.04 14.67 -9.17
N PRO B 163 6.81 14.10 -7.98
CA PRO B 163 7.90 14.01 -6.99
C PRO B 163 9.03 13.11 -7.43
N GLN B 164 8.80 12.18 -8.37
CA GLN B 164 9.87 11.36 -8.87
C GLN B 164 10.83 12.16 -9.72
N GLY B 165 10.39 13.33 -10.20
CA GLY B 165 11.25 14.19 -10.97
C GLY B 165 11.79 15.33 -10.14
N MET B 166 11.70 15.20 -8.82
CA MET B 166 12.25 16.20 -7.93
C MET B 166 13.48 15.62 -7.24
N ASP B 167 14.19 16.50 -6.57
CA ASP B 167 15.40 16.11 -5.86
C ASP B 167 15.01 15.48 -4.53
N THR B 168 15.36 14.20 -4.35
CA THR B 168 15.04 13.47 -3.13
C THR B 168 16.26 13.15 -2.30
N SER B 169 17.42 13.73 -2.63
CA SER B 169 18.62 13.49 -1.83
C SER B 169 18.47 14.01 -0.40
N ASN B 170 17.70 15.08 -0.22
CA ASN B 170 17.55 15.73 1.07
C ASN B 170 16.06 15.94 1.32
N MET B 171 15.58 15.41 2.44
CA MET B 171 14.15 15.42 2.72
C MET B 171 13.62 16.84 2.88
N ASP B 172 14.35 17.70 3.60
CA ASP B 172 13.86 19.05 3.79
C ASP B 172 13.87 19.85 2.49
N VAL B 173 14.88 19.63 1.65
CA VAL B 173 14.93 20.33 0.38
C VAL B 173 13.85 19.80 -0.55
N PHE B 174 13.60 18.48 -0.50
CA PHE B 174 12.53 17.90 -1.28
C PHE B 174 11.18 18.51 -0.92
N VAL B 175 10.87 18.60 0.37
CA VAL B 175 9.57 19.14 0.77
C VAL B 175 9.42 20.57 0.26
N GLN B 176 10.46 21.37 0.42
CA GLN B 176 10.38 22.73 -0.10
C GLN B 176 10.33 22.78 -1.61
N GLN B 177 11.01 21.85 -2.30
CA GLN B 177 10.93 21.86 -3.76
C GLN B 177 9.50 21.53 -4.19
N TYR B 178 8.86 20.59 -3.48
CA TYR B 178 7.47 20.25 -3.79
C TYR B 178 6.58 21.46 -3.60
N ALA B 179 6.71 22.11 -2.45
CA ALA B 179 5.87 23.27 -2.15
C ALA B 179 6.09 24.39 -3.17
N ASP B 180 7.36 24.68 -3.49
CA ASP B 180 7.71 25.71 -4.46
C ASP B 180 7.18 25.38 -5.85
N THR B 181 7.12 24.10 -6.21
CA THR B 181 6.53 23.71 -7.49
C THR B 181 5.04 24.03 -7.53
N VAL B 182 4.30 23.68 -6.45
CA VAL B 182 2.88 24.00 -6.39
C VAL B 182 2.67 25.50 -6.52
N LYS B 183 3.46 26.29 -5.77
CA LYS B 183 3.35 27.75 -5.89
C LYS B 183 3.57 28.19 -7.33
N TYR B 184 4.63 27.68 -7.97
CA TYR B 184 4.91 28.05 -9.36
C TYR B 184 3.73 27.71 -10.27
N LEU B 185 3.14 26.54 -10.06
CA LEU B 185 2.03 26.10 -10.92
C LEU B 185 0.77 26.90 -10.65
N SER B 186 0.53 27.28 -9.40
CA SER B 186 -0.66 28.07 -9.11
C SER B 186 -0.57 29.45 -9.75
N GLU B 187 0.65 29.97 -9.91
CA GLU B 187 0.91 31.24 -10.58
C GLU B 187 1.07 31.10 -12.08
N LYS B 188 0.66 29.97 -12.65
CA LYS B 188 0.69 29.79 -14.09
C LYS B 188 -0.70 30.10 -14.69
#